data_8HGV
#
_entry.id   8HGV
#
_cell.length_a   77.69
_cell.length_b   128.12
_cell.length_c   54.46
_cell.angle_alpha   90.0
_cell.angle_beta   90.0
_cell.angle_gamma   90.0
#
_symmetry.space_group_name_H-M   'P 21 21 21'
#
loop_
_entity.id
_entity.type
_entity.pdbx_description
1 polymer 'Monoethylhexylphthalate hydrolase'
2 water water
#
_entity_poly.entity_id   1
_entity_poly.type   'polypeptide(L)'
_entity_poly.pdbx_seq_one_letter_code
;FHTVDVKGVQTRYFDDGQDKDPILLIHGGHFGFFIPVGIESWGNVLEDFGEYGRVLAVDKLGQGETGLPLNDEDWTVDAV
AEHVANFATQLGLKNLTLVGHSRGGMTAVLLALKYPEMVKKLVIISSATAAPAPPVGTDMDFYERVERTAPGGSAELIRH
YHAAQAVNEGDLPEDYIGIATKWLESEKQLDAVAGYARNAEEHWLPSLSEGRRWVQERLADAGIPVPTLVVWGVNDRSAP
VSMGKGLFDLIAANTLDSSLYLINNAGHHVFSDQREKFNAAVGAFISL
;
_entity_poly.pdbx_strand_id   A,B
#
# COMPACT_ATOMS: atom_id res chain seq x y z
N PHE A 1 21.25 -9.86 33.58
CA PHE A 1 20.74 -10.67 32.48
C PHE A 1 21.62 -11.88 32.22
N HIS A 2 21.26 -12.65 31.19
CA HIS A 2 21.98 -13.85 30.82
C HIS A 2 22.36 -13.81 29.35
N THR A 3 23.36 -14.61 28.98
CA THR A 3 23.77 -14.75 27.59
C THR A 3 23.81 -16.22 27.20
N VAL A 4 23.22 -16.55 26.06
CA VAL A 4 23.22 -17.92 25.56
C VAL A 4 23.49 -17.95 24.05
N ASP A 5 24.24 -18.95 23.61
CA ASP A 5 24.54 -19.13 22.19
C ASP A 5 23.33 -19.72 21.46
N VAL A 6 22.75 -18.94 20.56
CA VAL A 6 21.63 -19.40 19.75
C VAL A 6 22.04 -19.53 18.28
N LYS A 7 22.34 -20.76 17.86
CA LYS A 7 22.77 -21.06 16.50
C LYS A 7 23.97 -20.20 16.09
N GLY A 8 24.90 -20.01 17.02
CA GLY A 8 26.10 -19.24 16.76
C GLY A 8 25.96 -17.76 17.04
N VAL A 9 24.74 -17.34 17.36
CA VAL A 9 24.50 -15.93 17.68
C VAL A 9 24.43 -15.73 19.19
N GLN A 10 25.35 -14.92 19.71
CA GLN A 10 25.38 -14.63 21.14
C GLN A 10 24.15 -13.80 21.51
N THR A 11 23.32 -14.34 22.39
CA THR A 11 22.00 -13.77 22.63
C THR A 11 21.75 -13.41 24.10
N ARG A 12 21.48 -12.14 24.36
CA ARG A 12 21.18 -11.67 25.71
C ARG A 12 19.68 -11.80 26.02
N TYR A 13 19.36 -12.17 27.25
CA TYR A 13 17.95 -12.23 27.66
C TYR A 13 17.75 -12.02 29.17
N PHE A 14 16.51 -11.75 29.54
CA PHE A 14 16.07 -11.56 30.91
C PHE A 14 15.14 -12.69 31.28
N ASP A 15 15.29 -13.22 32.50
CA ASP A 15 14.47 -14.33 32.99
C ASP A 15 14.06 -14.08 34.44
N ASP A 16 12.85 -14.51 34.79
CA ASP A 16 12.22 -14.10 36.06
C ASP A 16 12.96 -14.59 37.32
N GLY A 17 13.24 -15.88 37.52
CA GLY A 17 12.76 -17.00 36.74
C GLY A 17 11.82 -17.81 37.64
N GLN A 18 10.57 -17.37 37.72
CA GLN A 18 9.58 -17.98 38.59
C GLN A 18 9.11 -19.34 38.08
N ASP A 19 8.50 -20.11 38.98
CA ASP A 19 7.90 -21.39 38.59
C ASP A 19 6.50 -21.18 38.05
N LYS A 20 6.43 -20.53 36.89
CA LYS A 20 5.15 -20.25 36.24
C LYS A 20 5.26 -20.49 34.74
N ASP A 21 4.13 -20.51 34.05
CA ASP A 21 4.13 -20.58 32.59
C ASP A 21 4.80 -19.34 32.02
N PRO A 22 5.67 -19.53 31.01
CA PRO A 22 6.49 -18.44 30.46
C PRO A 22 5.70 -17.39 29.66
N ILE A 23 6.10 -16.13 29.83
CA ILE A 23 5.64 -15.03 29.00
C ILE A 23 6.84 -14.43 28.28
N LEU A 24 6.85 -14.49 26.95
CA LEU A 24 8.00 -13.99 26.19
C LEU A 24 7.73 -12.64 25.56
N LEU A 25 8.47 -11.63 26.00
CA LEU A 25 8.33 -10.28 25.46
C LEU A 25 9.27 -10.08 24.28
N ILE A 26 8.73 -9.57 23.17
CA ILE A 26 9.50 -9.32 21.96
C ILE A 26 9.40 -7.85 21.54
N HIS A 27 10.46 -7.09 21.78
CA HIS A 27 10.43 -5.64 21.59
C HIS A 27 10.35 -5.22 20.12
N GLY A 28 10.23 -3.91 19.89
CA GLY A 28 10.11 -3.38 18.55
C GLY A 28 11.44 -3.06 17.87
N GLY A 29 11.39 -2.17 16.89
CA GLY A 29 12.56 -1.77 16.13
C GLY A 29 13.03 -2.86 15.17
N HIS A 30 14.17 -2.62 14.54
CA HIS A 30 14.82 -3.61 13.67
C HIS A 30 16.31 -3.37 13.64
N PHE A 31 17.08 -4.36 13.16
CA PHE A 31 18.53 -4.17 13.08
C PHE A 31 18.87 -3.04 12.13
N GLY A 32 19.69 -2.10 12.61
CA GLY A 32 20.09 -0.95 11.80
C GLY A 32 19.20 0.27 11.99
N PHE A 33 18.11 0.10 12.74
CA PHE A 33 17.18 1.19 13.01
C PHE A 33 17.88 2.31 13.76
N PHE A 34 17.53 3.56 13.49
CA PHE A 34 18.28 4.69 14.02
C PHE A 34 18.10 4.86 15.53
N ILE A 35 17.04 4.26 16.07
CA ILE A 35 16.87 4.20 17.52
C ILE A 35 17.17 2.80 18.01
N PRO A 36 18.12 2.66 18.95
CA PRO A 36 18.46 1.35 19.52
C PRO A 36 17.36 0.86 20.45
N VAL A 37 16.97 -0.40 20.31
CA VAL A 37 15.93 -0.97 21.15
C VAL A 37 16.43 -2.25 21.80
N GLY A 38 16.07 -2.47 23.05
CA GLY A 38 16.46 -3.66 23.76
C GLY A 38 15.50 -4.03 24.87
N ILE A 39 15.91 -4.96 25.72
CA ILE A 39 15.09 -5.44 26.83
C ILE A 39 14.65 -4.30 27.76
N GLU A 40 15.59 -3.43 28.13
CA GLU A 40 15.30 -2.33 29.04
C GLU A 40 14.21 -1.39 28.54
N SER A 41 13.95 -1.43 27.23
CA SER A 41 12.91 -0.60 26.63
C SER A 41 11.51 -1.02 27.08
N TRP A 42 11.42 -2.20 27.69
CA TRP A 42 10.16 -2.68 28.25
C TRP A 42 9.86 -2.00 29.59
N GLY A 43 10.86 -1.31 30.12
CA GLY A 43 10.72 -0.58 31.37
C GLY A 43 10.09 -1.41 32.47
N ASN A 44 8.96 -0.92 32.99
CA ASN A 44 8.30 -1.55 34.12
C ASN A 44 7.66 -2.91 33.83
N VAL A 45 7.34 -3.19 32.56
CA VAL A 45 6.53 -4.39 32.30
C VAL A 45 7.26 -5.65 32.76
N LEU A 46 8.60 -5.65 32.61
CA LEU A 46 9.45 -6.75 33.02
C LEU A 46 9.12 -7.21 34.43
N GLU A 47 8.87 -6.25 35.30
CA GLU A 47 8.56 -6.55 36.69
C GLU A 47 7.07 -6.84 36.85
N ASP A 48 6.24 -6.01 36.24
CA ASP A 48 4.82 -6.03 36.52
C ASP A 48 4.16 -7.34 36.08
N PHE A 49 4.54 -7.79 34.89
CA PHE A 49 4.00 -9.02 34.33
C PHE A 49 4.48 -10.25 35.11
N GLY A 50 5.36 -10.02 36.09
CA GLY A 50 5.75 -11.06 37.01
C GLY A 50 4.56 -11.53 37.83
N GLU A 51 3.51 -10.71 37.84
CA GLU A 51 2.27 -11.07 38.53
C GLU A 51 1.49 -12.14 37.77
N TYR A 52 1.75 -12.27 36.47
CA TYR A 52 0.92 -13.10 35.60
C TYR A 52 1.64 -14.31 35.01
N GLY A 53 2.93 -14.44 35.30
CA GLY A 53 3.69 -15.57 34.79
C GLY A 53 5.19 -15.39 34.93
N ARG A 54 5.95 -16.34 34.38
CA ARG A 54 7.40 -16.25 34.35
C ARG A 54 7.85 -15.40 33.18
N VAL A 55 8.16 -14.14 33.45
CA VAL A 55 8.54 -13.21 32.39
C VAL A 55 9.96 -13.47 31.87
N LEU A 56 10.06 -13.56 30.55
CA LEU A 56 11.33 -13.55 29.85
C LEU A 56 11.30 -12.44 28.79
N ALA A 57 12.46 -11.89 28.48
CA ALA A 57 12.56 -10.90 27.43
C ALA A 57 13.88 -11.06 26.68
N VAL A 58 13.83 -11.11 25.35
CA VAL A 58 15.05 -11.34 24.60
C VAL A 58 15.37 -10.15 23.69
N ASP A 59 16.64 -9.75 23.63
CA ASP A 59 17.09 -8.81 22.61
C ASP A 59 17.02 -9.50 21.25
N LYS A 60 16.29 -8.92 20.31
CA LYS A 60 16.14 -9.53 19.00
C LYS A 60 17.45 -9.54 18.22
N LEU A 61 17.47 -10.32 17.14
CA LEU A 61 18.62 -10.44 16.25
C LEU A 61 19.16 -9.08 15.83
N GLY A 62 20.44 -8.84 16.09
CA GLY A 62 21.08 -7.59 15.70
C GLY A 62 20.65 -6.35 16.45
N GLN A 63 19.98 -6.54 17.58
CA GLN A 63 19.55 -5.42 18.42
C GLN A 63 20.01 -5.62 19.85
N GLY A 64 19.86 -4.58 20.67
CA GLY A 64 20.27 -4.61 22.05
C GLY A 64 21.72 -5.04 22.18
N GLU A 65 21.94 -6.23 22.73
CA GLU A 65 23.29 -6.75 22.89
C GLU A 65 23.46 -8.13 22.27
N THR A 66 22.52 -8.54 21.42
CA THR A 66 22.70 -9.78 20.67
C THR A 66 23.38 -9.49 19.34
N GLY A 67 24.24 -10.41 18.92
CA GLY A 67 25.00 -10.24 17.70
C GLY A 67 24.15 -10.08 16.44
N LEU A 68 24.79 -9.60 15.39
CA LEU A 68 24.16 -9.46 14.07
C LEU A 68 24.02 -10.81 13.40
N PRO A 69 23.18 -10.90 12.36
CA PRO A 69 23.06 -12.15 11.59
C PRO A 69 24.40 -12.61 11.05
N LEU A 70 24.61 -13.92 10.96
CA LEU A 70 25.87 -14.47 10.47
C LEU A 70 25.86 -14.57 8.94
N ASN A 71 24.68 -14.44 8.36
CA ASN A 71 24.51 -14.48 6.91
C ASN A 71 23.83 -13.21 6.40
N ASP A 72 24.13 -12.83 5.16
CA ASP A 72 23.39 -11.77 4.50
C ASP A 72 21.95 -12.20 4.29
N GLU A 73 21.78 -13.50 4.06
CA GLU A 73 20.45 -14.08 3.83
C GLU A 73 19.58 -14.01 5.09
N ASP A 74 20.20 -13.77 6.24
CA ASP A 74 19.45 -13.75 7.49
C ASP A 74 19.02 -12.34 7.89
N TRP A 75 19.11 -11.39 6.97
CA TRP A 75 18.55 -10.07 7.21
C TRP A 75 17.09 -10.07 6.73
N THR A 76 16.30 -10.96 7.34
CA THR A 76 14.89 -11.13 6.97
C THR A 76 14.01 -11.25 8.21
N VAL A 77 12.70 -11.11 8.03
CA VAL A 77 11.73 -11.24 9.11
C VAL A 77 11.67 -12.68 9.60
N ASP A 78 11.75 -13.60 8.64
CA ASP A 78 11.75 -15.02 8.94
C ASP A 78 12.94 -15.42 9.79
N ALA A 79 14.08 -14.76 9.57
CA ALA A 79 15.29 -15.08 10.32
C ALA A 79 15.21 -14.54 11.75
N VAL A 80 14.53 -13.41 11.91
CA VAL A 80 14.30 -12.83 13.25
C VAL A 80 13.38 -13.75 14.05
N ALA A 81 12.25 -14.10 13.44
CA ALA A 81 11.30 -15.03 14.05
C ALA A 81 11.96 -16.37 14.37
N GLU A 82 12.77 -16.87 13.45
CA GLU A 82 13.50 -18.13 13.65
C GLU A 82 14.50 -18.02 14.79
N HIS A 83 15.12 -16.85 14.93
CA HIS A 83 16.04 -16.61 16.03
C HIS A 83 15.31 -16.71 17.36
N VAL A 84 14.14 -16.06 17.44
CA VAL A 84 13.35 -16.12 18.66
C VAL A 84 12.87 -17.54 18.96
N ALA A 85 12.46 -18.27 17.92
CA ALA A 85 11.97 -19.64 18.08
C ALA A 85 13.07 -20.57 18.57
N ASN A 86 14.23 -20.48 17.95
CA ASN A 86 15.40 -21.26 18.36
C ASN A 86 15.78 -20.93 19.79
N PHE A 87 15.71 -19.64 20.13
CA PHE A 87 15.98 -19.19 21.48
C PHE A 87 15.04 -19.87 22.48
N ALA A 88 13.74 -19.81 22.19
CA ALA A 88 12.74 -20.41 23.08
C ALA A 88 12.95 -21.91 23.21
N THR A 89 13.31 -22.56 22.11
CA THR A 89 13.53 -24.00 22.12
C THR A 89 14.75 -24.37 22.99
N GLN A 90 15.82 -23.58 22.90
CA GLN A 90 17.00 -23.83 23.71
C GLN A 90 16.70 -23.85 25.21
N LEU A 91 15.79 -22.97 25.64
CA LEU A 91 15.43 -22.88 27.05
C LEU A 91 14.30 -23.83 27.43
N GLY A 92 13.80 -24.58 26.44
CA GLY A 92 12.73 -25.54 26.68
C GLY A 92 11.41 -24.90 27.08
N LEU A 93 11.15 -23.70 26.56
CA LEU A 93 9.89 -23.01 26.85
C LEU A 93 8.71 -23.76 26.22
N LYS A 94 7.67 -23.98 27.00
CA LYS A 94 6.57 -24.84 26.57
C LYS A 94 5.22 -24.14 26.39
N ASN A 95 4.61 -23.69 27.47
CA ASN A 95 3.30 -23.07 27.39
C ASN A 95 3.40 -21.55 27.23
N LEU A 96 4.00 -21.13 26.11
CA LEU A 96 4.43 -19.76 25.90
C LEU A 96 3.33 -18.76 25.58
N THR A 97 3.34 -17.64 26.30
CA THR A 97 2.54 -16.49 25.89
C THR A 97 3.45 -15.48 25.22
N LEU A 98 3.22 -15.24 23.93
CA LEU A 98 4.04 -14.28 23.18
C LEU A 98 3.46 -12.88 23.28
N VAL A 99 4.29 -11.92 23.69
CA VAL A 99 3.87 -10.52 23.73
C VAL A 99 4.78 -9.68 22.83
N GLY A 100 4.20 -9.15 21.77
CA GLY A 100 4.98 -8.43 20.78
C GLY A 100 4.57 -6.99 20.58
N HIS A 101 5.54 -6.09 20.70
CA HIS A 101 5.28 -4.67 20.47
C HIS A 101 5.88 -4.20 19.14
N SER A 102 5.09 -3.47 18.37
CA SER A 102 5.51 -2.94 17.06
C SER A 102 5.98 -4.09 16.17
N ARG A 103 7.21 -4.01 15.65
CA ARG A 103 7.72 -5.05 14.76
C ARG A 103 7.78 -6.41 15.45
N GLY A 104 8.01 -6.39 16.76
CA GLY A 104 8.00 -7.61 17.55
C GLY A 104 6.68 -8.34 17.39
N GLY A 105 5.59 -7.57 17.38
CA GLY A 105 4.27 -8.10 17.10
C GLY A 105 4.30 -8.95 15.86
N MET A 106 4.84 -8.40 14.77
CA MET A 106 4.99 -9.14 13.53
C MET A 106 5.70 -10.45 13.81
N THR A 107 6.88 -10.36 14.43
CA THR A 107 7.65 -11.53 14.81
C THR A 107 6.74 -12.50 15.54
N ALA A 108 6.06 -11.97 16.56
CA ALA A 108 5.17 -12.78 17.37
C ALA A 108 4.15 -13.50 16.51
N VAL A 109 3.45 -12.76 15.64
CA VAL A 109 2.45 -13.36 14.78
C VAL A 109 3.06 -14.50 13.98
N LEU A 110 4.23 -14.24 13.40
CA LEU A 110 4.88 -15.22 12.55
C LEU A 110 5.15 -16.51 13.30
N LEU A 111 5.42 -16.39 14.59
CA LEU A 111 5.66 -17.58 15.41
C LEU A 111 4.34 -18.31 15.65
N ALA A 112 3.31 -17.55 16.03
CA ALA A 112 2.01 -18.13 16.35
C ALA A 112 1.43 -18.84 15.13
N LEU A 113 1.77 -18.35 13.95
CA LEU A 113 1.31 -18.94 12.70
C LEU A 113 2.13 -20.15 12.30
N LYS A 114 3.41 -20.17 12.69
CA LYS A 114 4.33 -21.20 12.23
C LYS A 114 4.58 -22.28 13.26
N TYR A 115 4.48 -21.93 14.54
CA TYR A 115 4.76 -22.90 15.60
C TYR A 115 3.69 -22.91 16.68
N PRO A 116 2.47 -23.35 16.32
CA PRO A 116 1.33 -23.37 17.26
C PRO A 116 1.58 -24.26 18.47
N GLU A 117 2.31 -25.36 18.26
CA GLU A 117 2.60 -26.31 19.32
C GLU A 117 3.30 -25.62 20.49
N MET A 118 4.14 -24.64 20.17
CA MET A 118 4.93 -23.93 21.15
C MET A 118 4.14 -22.81 21.84
N VAL A 119 3.16 -22.27 21.12
CA VAL A 119 2.45 -21.08 21.59
C VAL A 119 1.05 -21.37 22.14
N LYS A 120 0.77 -20.81 23.31
CA LYS A 120 -0.54 -20.90 23.94
C LYS A 120 -1.38 -19.65 23.68
N LYS A 121 -0.72 -18.49 23.77
CA LYS A 121 -1.40 -17.19 23.66
C LYS A 121 -0.56 -16.18 22.88
N LEU A 122 -1.25 -15.25 22.23
CA LEU A 122 -0.58 -14.19 21.50
C LEU A 122 -1.13 -12.82 21.86
N VAL A 123 -0.23 -11.89 22.22
CA VAL A 123 -0.61 -10.51 22.47
C VAL A 123 0.10 -9.61 21.47
N ILE A 124 -0.66 -8.77 20.78
CA ILE A 124 -0.11 -7.89 19.76
C ILE A 124 -0.31 -6.43 20.13
N ILE A 125 0.79 -5.70 20.25
CA ILE A 125 0.73 -4.30 20.65
C ILE A 125 1.31 -3.36 19.59
N SER A 126 0.44 -2.56 18.99
CA SER A 126 0.84 -1.50 18.06
C SER A 126 1.69 -2.01 16.88
N SER A 127 1.29 -3.13 16.30
CA SER A 127 2.02 -3.71 15.17
C SER A 127 1.31 -3.41 13.86
N ALA A 128 1.97 -2.66 12.99
CA ALA A 128 1.31 -2.15 11.78
C ALA A 128 1.83 -2.76 10.49
N THR A 129 2.73 -3.73 10.60
CA THR A 129 3.35 -4.33 9.42
C THR A 129 2.33 -5.02 8.52
N ALA A 130 1.40 -5.74 9.13
CA ALA A 130 0.37 -6.45 8.37
C ALA A 130 -0.92 -5.64 8.29
N ALA A 131 -0.98 -4.56 9.06
CA ALA A 131 -2.18 -3.72 9.12
C ALA A 131 -2.53 -3.09 7.77
N PRO A 132 -3.84 -2.97 7.49
CA PRO A 132 -4.29 -2.27 6.30
C PRO A 132 -3.91 -0.79 6.34
N ALA A 133 -3.54 -0.23 5.20
CA ALA A 133 -3.12 1.17 5.13
C ALA A 133 -4.23 2.11 5.56
N PRO A 134 -3.86 3.21 6.23
CA PRO A 134 -4.83 4.25 6.59
C PRO A 134 -5.35 4.95 5.33
N PRO A 135 -6.50 5.63 5.42
CA PRO A 135 -6.96 6.37 4.24
C PRO A 135 -5.96 7.47 3.85
N VAL A 136 -5.56 8.27 4.84
CA VAL A 136 -4.56 9.30 4.69
C VAL A 136 -4.03 9.69 6.07
N GLY A 137 -2.71 9.83 6.19
CA GLY A 137 -2.10 10.20 7.45
C GLY A 137 -0.86 11.05 7.27
N MET A 140 2.35 9.90 7.31
CA MET A 140 2.96 8.63 7.73
C MET A 140 4.48 8.69 7.65
N ASP A 141 5.03 9.90 7.79
CA ASP A 141 6.48 10.10 7.77
C ASP A 141 7.01 10.43 9.16
N PHE A 142 6.48 9.76 10.18
CA PHE A 142 6.78 10.08 11.57
C PHE A 142 8.25 9.91 11.92
N TYR A 143 8.80 8.73 11.62
CA TYR A 143 10.17 8.41 12.02
C TYR A 143 11.22 9.28 11.34
N GLU A 144 10.98 9.61 10.08
CA GLU A 144 11.85 10.52 9.35
C GLU A 144 11.86 11.88 10.03
N ARG A 145 10.67 12.32 10.44
CA ARG A 145 10.52 13.60 11.13
C ARG A 145 11.25 13.60 12.47
N VAL A 146 11.03 12.55 13.25
CA VAL A 146 11.65 12.40 14.56
C VAL A 146 13.17 12.41 14.44
N GLU A 147 13.69 11.69 13.45
CA GLU A 147 15.13 11.66 13.22
C GLU A 147 15.64 13.03 12.80
N ARG A 148 14.83 13.74 12.00
CA ARG A 148 15.23 15.05 11.50
C ARG A 148 15.26 16.12 12.59
N THR A 149 14.30 16.06 13.51
CA THR A 149 14.16 17.11 14.53
C THR A 149 15.01 16.89 15.77
N ALA A 150 16.00 16.01 15.68
CA ALA A 150 16.84 15.70 16.82
C ALA A 150 18.18 16.45 16.77
N PRO A 151 18.52 17.15 17.86
CA PRO A 151 19.79 17.88 17.98
C PRO A 151 21.01 16.94 18.01
N SER A 154 24.02 9.57 21.07
CA SER A 154 23.42 10.82 21.52
C SER A 154 22.25 10.55 22.47
N ALA A 155 22.41 10.97 23.72
CA ALA A 155 21.35 10.86 24.71
C ALA A 155 20.16 11.73 24.32
N GLU A 156 20.49 12.88 23.74
CA GLU A 156 19.48 13.84 23.28
C GLU A 156 18.51 13.20 22.30
N LEU A 157 19.04 12.40 21.37
CA LEU A 157 18.22 11.72 20.38
C LEU A 157 17.20 10.79 21.02
N ILE A 158 17.66 9.98 21.96
CA ILE A 158 16.80 9.05 22.70
C ILE A 158 15.71 9.80 23.45
N ARG A 159 16.10 10.77 24.27
CA ARG A 159 15.15 11.60 25.00
C ARG A 159 14.10 12.20 24.06
N HIS A 160 14.58 12.68 22.92
CA HIS A 160 13.74 13.34 21.92
C HIS A 160 12.72 12.40 21.32
N TYR A 161 13.15 11.19 20.99
CA TYR A 161 12.28 10.17 20.42
C TYR A 161 11.18 9.80 21.42
N HIS A 162 11.59 9.50 22.65
CA HIS A 162 10.64 9.17 23.71
C HIS A 162 9.59 10.27 23.89
N ALA A 163 10.06 11.51 24.00
CA ALA A 163 9.16 12.64 24.18
C ALA A 163 8.24 12.81 22.96
N ALA A 164 8.76 12.48 21.79
CA ALA A 164 8.02 12.65 20.54
C ALA A 164 6.83 11.69 20.46
N GLN A 165 7.04 10.45 20.89
CA GLN A 165 5.97 9.47 20.74
C GLN A 165 5.04 9.35 21.96
N ALA A 166 5.45 9.92 23.08
CA ALA A 166 4.65 9.81 24.31
C ALA A 166 3.41 10.70 24.26
N VAL A 167 2.33 10.23 24.89
CA VAL A 167 1.09 10.99 24.98
C VAL A 167 0.79 11.35 26.43
N ASN A 168 0.71 10.32 27.28
CA ASN A 168 0.70 10.54 28.72
C ASN A 168 2.14 10.49 29.20
N GLU A 169 2.94 11.39 28.63
CA GLU A 169 4.39 11.41 28.76
C GLU A 169 4.92 11.41 30.19
N GLY A 170 6.04 10.72 30.36
CA GLY A 170 6.87 10.85 31.54
C GLY A 170 8.29 11.00 31.04
N ASP A 171 9.21 11.37 31.93
CA ASP A 171 10.62 11.46 31.54
C ASP A 171 11.30 10.12 31.79
N LEU A 172 12.19 9.73 30.88
CA LEU A 172 12.94 8.49 31.03
C LEU A 172 13.96 8.61 32.15
N PRO A 173 14.09 7.55 32.97
CA PRO A 173 15.15 7.50 33.99
C PRO A 173 16.53 7.60 33.34
N GLU A 174 17.49 8.17 34.05
CA GLU A 174 18.82 8.41 33.51
C GLU A 174 19.57 7.11 33.17
N ASP A 175 19.27 6.05 33.92
CA ASP A 175 19.91 4.76 33.68
C ASP A 175 19.61 4.23 32.29
N TYR A 176 18.34 4.28 31.88
CA TYR A 176 17.96 3.82 30.55
C TYR A 176 18.61 4.68 29.47
N ILE A 177 18.65 5.98 29.71
CA ILE A 177 19.30 6.91 28.78
C ILE A 177 20.75 6.51 28.59
N GLY A 178 21.41 6.14 29.69
CA GLY A 178 22.80 5.70 29.65
C GLY A 178 22.97 4.43 28.85
N ILE A 179 22.15 3.42 29.15
CA ILE A 179 22.22 2.13 28.46
C ILE A 179 22.02 2.30 26.95
N ALA A 180 20.96 3.02 26.58
CA ALA A 180 20.62 3.21 25.19
C ALA A 180 21.64 4.09 24.46
N THR A 181 22.27 5.01 25.20
CA THR A 181 23.33 5.83 24.63
C THR A 181 24.54 4.95 24.31
N LYS A 182 24.85 4.04 25.23
CA LYS A 182 25.91 3.07 25.00
C LYS A 182 25.63 2.23 23.76
N TRP A 183 24.38 1.76 23.63
CA TRP A 183 23.97 1.04 22.43
C TRP A 183 24.16 1.88 21.17
N LEU A 184 23.70 3.12 21.23
CA LEU A 184 23.68 4.01 20.08
C LEU A 184 25.09 4.34 19.59
N GLU A 185 26.05 4.37 20.53
CA GLU A 185 27.42 4.68 20.17
C GLU A 185 28.33 3.45 20.11
N SER A 186 27.76 2.25 20.20
CA SER A 186 28.56 1.04 20.17
C SER A 186 28.98 0.66 18.75
N GLU A 187 30.05 -0.11 18.65
CA GLU A 187 30.54 -0.59 17.37
C GLU A 187 29.47 -1.42 16.65
N LYS A 188 28.73 -2.20 17.43
CA LYS A 188 27.73 -3.10 16.87
C LYS A 188 26.61 -2.34 16.18
N GLN A 189 26.31 -1.14 16.68
CA GLN A 189 25.30 -0.30 16.05
C GLN A 189 25.79 0.21 14.70
N LEU A 190 27.04 0.65 14.65
CA LEU A 190 27.66 1.09 13.41
C LEU A 190 27.61 -0.04 12.38
N ASP A 191 28.00 -1.23 12.82
CA ASP A 191 27.93 -2.42 11.97
C ASP A 191 26.50 -2.72 11.52
N ALA A 192 25.52 -2.47 12.39
CA ALA A 192 24.12 -2.74 12.09
C ALA A 192 23.60 -1.79 11.01
N VAL A 193 24.03 -0.52 11.10
CA VAL A 193 23.66 0.48 10.12
C VAL A 193 24.30 0.18 8.76
N ALA A 194 25.59 -0.19 8.78
CA ALA A 194 26.27 -0.58 7.56
C ALA A 194 25.60 -1.81 6.93
N GLY A 195 25.22 -2.75 7.79
CA GLY A 195 24.60 -3.99 7.35
C GLY A 195 23.24 -3.76 6.74
N TYR A 196 22.45 -2.86 7.34
CA TYR A 196 21.17 -2.50 6.77
C TYR A 196 21.38 -1.84 5.41
N ALA A 197 22.31 -0.89 5.33
CA ALA A 197 22.62 -0.23 4.06
C ALA A 197 23.01 -1.25 2.99
N ARG A 198 23.65 -2.34 3.42
CA ARG A 198 24.13 -3.37 2.50
C ARG A 198 23.05 -4.37 2.05
N ASN A 199 22.13 -4.68 2.96
CA ASN A 199 21.18 -5.78 2.75
C ASN A 199 19.71 -5.38 2.69
N ALA A 200 19.41 -4.08 2.73
CA ALA A 200 18.02 -3.61 2.78
C ALA A 200 17.22 -3.96 1.53
N GLU A 201 17.71 -3.54 0.37
CA GLU A 201 16.97 -3.71 -0.87
C GLU A 201 16.89 -5.17 -1.33
N GLU A 202 17.92 -5.94 -1.00
CA GLU A 202 18.02 -7.31 -1.49
C GLU A 202 17.29 -8.32 -0.61
N HIS A 203 17.31 -8.09 0.70
CA HIS A 203 16.82 -9.11 1.64
C HIS A 203 15.68 -8.63 2.55
N TRP A 204 15.89 -7.53 3.27
CA TRP A 204 14.95 -7.10 4.31
C TRP A 204 13.61 -6.61 3.79
N LEU A 205 13.62 -5.59 2.93
CA LEU A 205 12.38 -5.03 2.39
C LEU A 205 11.52 -6.06 1.63
N PRO A 206 12.11 -6.88 0.75
CA PRO A 206 11.27 -7.87 0.07
C PRO A 206 10.66 -8.88 1.05
N SER A 207 11.46 -9.30 2.04
CA SER A 207 10.97 -10.23 3.05
C SER A 207 9.84 -9.57 3.85
N LEU A 208 9.90 -8.25 3.96
CA LEU A 208 8.87 -7.48 4.64
C LEU A 208 7.56 -7.54 3.86
N SER A 209 7.63 -7.20 2.57
CA SER A 209 6.43 -7.20 1.74
C SER A 209 5.81 -8.60 1.67
N GLU A 210 6.64 -9.60 1.41
CA GLU A 210 6.18 -10.97 1.34
C GLU A 210 5.61 -11.45 2.67
N GLY A 211 6.23 -11.02 3.76
CA GLY A 211 5.75 -11.34 5.09
C GLY A 211 4.34 -10.81 5.29
N ARG A 212 4.12 -9.56 4.89
CA ARG A 212 2.79 -8.96 4.97
C ARG A 212 1.78 -9.73 4.13
N ARG A 213 2.15 -10.06 2.90
CA ARG A 213 1.25 -10.79 2.01
C ARG A 213 0.88 -12.17 2.57
N TRP A 214 1.87 -12.87 3.12
CA TRP A 214 1.66 -14.21 3.65
C TRP A 214 0.83 -14.20 4.93
N VAL A 215 1.09 -13.21 5.79
CA VAL A 215 0.32 -13.09 7.02
C VAL A 215 -1.13 -12.80 6.68
N GLN A 216 -1.37 -11.80 5.83
CA GLN A 216 -2.73 -11.45 5.45
C GLN A 216 -3.43 -12.63 4.77
N GLU A 217 -2.66 -13.39 3.98
CA GLU A 217 -3.18 -14.59 3.34
C GLU A 217 -3.62 -15.63 4.37
N ARG A 218 -2.83 -15.79 5.43
CA ARG A 218 -3.18 -16.73 6.50
C ARG A 218 -4.40 -16.27 7.30
N LEU A 219 -4.50 -14.97 7.53
CA LEU A 219 -5.64 -14.40 8.27
C LEU A 219 -6.94 -14.56 7.48
N ALA A 220 -6.82 -14.66 6.17
CA ALA A 220 -7.98 -14.81 5.30
C ALA A 220 -8.26 -16.28 5.00
N ASP A 221 -7.48 -17.16 5.62
CA ASP A 221 -7.66 -18.61 5.45
C ASP A 221 -8.18 -19.23 6.75
N ALA A 222 -7.24 -19.69 7.58
CA ALA A 222 -7.58 -20.35 8.84
C ALA A 222 -7.42 -19.43 10.04
N GLY A 223 -6.80 -18.27 9.81
CA GLY A 223 -6.57 -17.31 10.88
C GLY A 223 -5.48 -17.76 11.85
N ILE A 224 -5.37 -17.03 12.96
CA ILE A 224 -4.40 -17.37 13.99
C ILE A 224 -4.91 -18.55 14.82
N PRO A 225 -4.06 -19.58 14.98
CA PRO A 225 -4.45 -20.81 15.68
C PRO A 225 -4.41 -20.73 17.20
N VAL A 226 -4.12 -19.56 17.75
CA VAL A 226 -4.10 -19.37 19.20
C VAL A 226 -4.92 -18.15 19.60
N PRO A 227 -5.44 -18.13 20.84
CA PRO A 227 -6.13 -16.94 21.37
C PRO A 227 -5.28 -15.68 21.22
N THR A 228 -5.89 -14.60 20.75
CA THR A 228 -5.14 -13.41 20.36
C THR A 228 -5.78 -12.13 20.89
N LEU A 229 -4.96 -11.27 21.48
CA LEU A 229 -5.41 -9.95 21.91
C LEU A 229 -4.65 -8.89 21.14
N VAL A 230 -5.36 -7.87 20.68
CA VAL A 230 -4.72 -6.74 20.03
C VAL A 230 -4.87 -5.51 20.92
N VAL A 231 -3.76 -4.91 21.30
CA VAL A 231 -3.78 -3.71 22.15
C VAL A 231 -3.30 -2.51 21.36
N TRP A 232 -4.00 -1.39 21.50
CA TRP A 232 -3.63 -0.17 20.79
C TRP A 232 -3.95 1.08 21.60
N GLY A 233 -3.10 2.10 21.49
CA GLY A 233 -3.36 3.38 22.10
C GLY A 233 -4.07 4.28 21.11
N VAL A 234 -5.16 4.92 21.55
CA VAL A 234 -5.99 5.74 20.68
C VAL A 234 -5.20 6.86 20.01
N ASN A 235 -4.21 7.39 20.72
CA ASN A 235 -3.48 8.54 20.20
C ASN A 235 -2.09 8.20 19.68
N ASP A 236 -1.94 6.98 19.18
CA ASP A 236 -0.69 6.52 18.57
C ASP A 236 -0.33 7.44 17.40
N ARG A 237 0.88 8.00 17.44
CA ARG A 237 1.28 9.00 16.46
C ARG A 237 2.00 8.40 15.26
N SER A 238 2.57 7.20 15.43
CA SER A 238 3.33 6.57 14.36
C SER A 238 2.61 5.35 13.76
N ALA A 239 1.71 4.76 14.53
CA ALA A 239 0.88 3.66 14.03
C ALA A 239 -0.58 3.95 14.34
N PRO A 240 -1.22 4.78 13.50
CA PRO A 240 -2.59 5.29 13.69
C PRO A 240 -3.58 4.19 14.09
N VAL A 241 -4.53 4.53 14.95
CA VAL A 241 -5.49 3.54 15.45
C VAL A 241 -6.26 2.85 14.33
N SER A 242 -6.54 3.59 13.26
CA SER A 242 -7.24 3.06 12.11
C SER A 242 -6.57 1.78 11.59
N MET A 243 -5.25 1.77 11.65
CA MET A 243 -4.48 0.60 11.23
C MET A 243 -4.67 -0.54 12.22
N GLY A 244 -4.84 -0.20 13.49
CA GLY A 244 -5.06 -1.21 14.52
C GLY A 244 -6.43 -1.86 14.38
N LYS A 245 -7.44 -1.03 14.14
CA LYS A 245 -8.81 -1.50 13.96
C LYS A 245 -8.92 -2.31 12.67
N GLY A 246 -8.22 -1.87 11.63
CA GLY A 246 -8.18 -2.61 10.38
C GLY A 246 -7.51 -3.96 10.56
N LEU A 247 -6.40 -3.96 11.30
CA LEU A 247 -5.67 -5.19 11.60
C LEU A 247 -6.57 -6.17 12.34
N PHE A 248 -7.24 -5.67 13.38
CA PHE A 248 -8.13 -6.52 14.15
C PHE A 248 -9.31 -7.01 13.30
N ASP A 249 -9.71 -6.21 12.32
CA ASP A 249 -10.76 -6.65 11.39
C ASP A 249 -10.24 -7.84 10.59
N LEU A 250 -8.99 -7.73 10.14
CA LEU A 250 -8.35 -8.83 9.43
C LEU A 250 -8.26 -10.09 10.29
N ILE A 251 -7.98 -9.89 11.57
CA ILE A 251 -7.77 -11.01 12.50
C ILE A 251 -9.07 -11.71 12.90
N ALA A 252 -10.11 -10.92 13.20
CA ALA A 252 -11.39 -11.47 13.65
C ALA A 252 -12.10 -12.26 12.56
N ALA A 253 -11.64 -12.10 11.32
CA ALA A 253 -12.27 -12.74 10.17
C ALA A 253 -12.33 -14.26 10.30
N ASN A 254 -11.27 -14.86 10.84
CA ASN A 254 -11.24 -16.31 11.02
C ASN A 254 -10.63 -16.77 12.35
N THR A 255 -10.22 -15.81 13.19
CA THR A 255 -9.77 -16.14 14.53
C THR A 255 -10.88 -15.84 15.52
N LEU A 256 -11.60 -16.88 15.91
CA LEU A 256 -12.75 -16.75 16.80
C LEU A 256 -12.34 -16.22 18.18
N ASP A 257 -11.24 -16.79 18.70
CA ASP A 257 -10.74 -16.43 20.01
C ASP A 257 -9.82 -15.20 19.93
N SER A 258 -10.41 -14.05 19.60
CA SER A 258 -9.64 -12.81 19.48
C SER A 258 -10.34 -11.65 20.18
N SER A 259 -9.57 -10.60 20.47
CA SER A 259 -10.07 -9.44 21.22
C SER A 259 -9.37 -8.16 20.81
N LEU A 260 -10.03 -7.02 21.01
CA LEU A 260 -9.41 -5.73 20.73
C LEU A 260 -9.58 -4.76 21.90
N TYR A 261 -8.47 -4.22 22.37
CA TYR A 261 -8.49 -3.26 23.47
C TYR A 261 -7.82 -1.96 23.05
N LEU A 262 -8.59 -0.88 23.05
CA LEU A 262 -8.08 0.45 22.72
C LEU A 262 -8.07 1.33 23.97
N ILE A 263 -6.90 1.83 24.34
CA ILE A 263 -6.78 2.71 25.49
C ILE A 263 -6.64 4.16 25.05
N ASN A 264 -7.49 5.02 25.57
CA ASN A 264 -7.42 6.45 25.26
C ASN A 264 -6.30 7.13 26.01
N ASN A 265 -5.86 8.29 25.52
CA ASN A 265 -4.78 9.05 26.13
C ASN A 265 -3.52 8.20 26.22
N ALA A 266 -3.20 7.52 25.12
CA ALA A 266 -2.04 6.64 25.05
C ALA A 266 -1.43 6.66 23.66
N GLY A 267 -0.10 6.57 23.59
CA GLY A 267 0.60 6.62 22.32
C GLY A 267 1.07 5.27 21.84
N HIS A 268 2.17 5.27 21.09
CA HIS A 268 2.75 4.05 20.54
C HIS A 268 3.24 3.13 21.66
N HIS A 269 3.67 3.73 22.75
CA HIS A 269 4.08 2.98 23.93
C HIS A 269 2.95 2.95 24.96
N VAL A 270 1.91 2.17 24.65
CA VAL A 270 0.71 2.10 25.49
C VAL A 270 1.01 1.70 26.92
N PHE A 271 1.87 0.69 27.06
CA PHE A 271 2.26 0.20 28.37
C PHE A 271 2.95 1.29 29.19
N SER A 272 3.63 2.20 28.51
CA SER A 272 4.33 3.29 29.17
C SER A 272 3.39 4.43 29.53
N ASP A 273 2.44 4.71 28.65
CA ASP A 273 1.50 5.81 28.85
C ASP A 273 0.41 5.48 29.86
N GLN A 274 -0.21 4.31 29.68
CA GLN A 274 -1.29 3.88 30.56
C GLN A 274 -0.94 2.56 31.22
N ARG A 275 0.03 2.61 32.12
CA ARG A 275 0.63 1.44 32.75
C ARG A 275 -0.39 0.56 33.48
N GLU A 276 -1.19 1.17 34.35
CA GLU A 276 -2.15 0.44 35.16
C GLU A 276 -3.21 -0.28 34.32
N LYS A 277 -3.85 0.48 33.42
CA LYS A 277 -4.84 -0.09 32.50
C LYS A 277 -4.27 -1.25 31.68
N PHE A 278 -3.11 -1.00 31.08
CA PHE A 278 -2.42 -2.01 30.26
C PHE A 278 -2.18 -3.28 31.06
N ASN A 279 -1.52 -3.14 32.21
CA ASN A 279 -1.24 -4.27 33.10
C ASN A 279 -2.51 -5.03 33.46
N ALA A 280 -3.57 -4.30 33.78
CA ALA A 280 -4.83 -4.92 34.19
C ALA A 280 -5.46 -5.76 33.07
N ALA A 281 -5.68 -5.13 31.92
CA ALA A 281 -6.33 -5.81 30.79
C ALA A 281 -5.49 -6.97 30.27
N VAL A 282 -4.22 -6.70 29.97
CA VAL A 282 -3.36 -7.73 29.39
C VAL A 282 -3.13 -8.86 30.39
N GLY A 283 -2.99 -8.50 31.66
CA GLY A 283 -2.83 -9.49 32.70
C GLY A 283 -4.05 -10.39 32.82
N ALA A 284 -5.23 -9.77 32.79
CA ALA A 284 -6.46 -10.53 32.83
C ALA A 284 -6.55 -11.48 31.63
N PHE A 285 -6.13 -11.00 30.45
CA PHE A 285 -6.14 -11.84 29.26
C PHE A 285 -5.19 -13.04 29.41
N ILE A 286 -3.95 -12.78 29.81
CA ILE A 286 -2.98 -13.85 30.00
C ILE A 286 -3.46 -14.86 31.04
N SER A 287 -4.19 -14.37 32.04
CA SER A 287 -4.54 -15.19 33.20
C SER A 287 -5.68 -16.20 32.98
N LEU A 288 -6.46 -16.05 31.91
CA LEU A 288 -7.54 -17.01 31.66
C LEU A 288 -7.05 -18.21 30.83
N PHE B 1 -14.22 -2.58 -5.39
CA PHE B 1 -14.21 -3.31 -4.13
C PHE B 1 -14.58 -2.41 -2.95
N HIS B 2 -14.55 -1.10 -3.20
CA HIS B 2 -14.92 -0.10 -2.21
C HIS B 2 -15.89 0.90 -2.82
N THR B 3 -16.73 1.49 -1.99
CA THR B 3 -17.67 2.51 -2.47
C THR B 3 -17.62 3.75 -1.59
N VAL B 4 -17.82 4.91 -2.20
CA VAL B 4 -17.78 6.18 -1.49
C VAL B 4 -18.58 7.21 -2.29
N ASP B 5 -19.15 8.19 -1.59
CA ASP B 5 -19.92 9.24 -2.26
C ASP B 5 -19.01 10.37 -2.71
N VAL B 6 -19.16 10.78 -3.98
CA VAL B 6 -18.38 11.89 -4.52
C VAL B 6 -19.29 12.93 -5.17
N LYS B 7 -19.53 14.04 -4.46
CA LYS B 7 -20.40 15.11 -4.93
C LYS B 7 -21.81 14.62 -5.23
N GLY B 8 -22.30 13.71 -4.40
CA GLY B 8 -23.62 13.13 -4.61
C GLY B 8 -23.63 12.04 -5.66
N VAL B 9 -22.47 11.45 -5.92
CA VAL B 9 -22.34 10.39 -6.91
C VAL B 9 -21.70 9.14 -6.32
N GLN B 10 -22.44 8.04 -6.32
CA GLN B 10 -21.92 6.76 -5.85
C GLN B 10 -20.75 6.32 -6.71
N THR B 11 -19.56 6.26 -6.12
CA THR B 11 -18.35 5.95 -6.85
C THR B 11 -17.64 4.72 -6.27
N ARG B 12 -17.25 3.82 -7.16
CA ARG B 12 -16.58 2.58 -6.78
C ARG B 12 -15.09 2.66 -7.11
N TYR B 13 -14.26 2.20 -6.17
CA TYR B 13 -12.82 2.24 -6.39
C TYR B 13 -12.11 1.05 -5.76
N PHE B 14 -10.86 0.87 -6.18
CA PHE B 14 -9.99 -0.21 -5.70
C PHE B 14 -8.80 0.37 -4.95
N ASP B 15 -8.45 -0.23 -3.82
CA ASP B 15 -7.29 0.17 -3.04
C ASP B 15 -6.40 -1.05 -2.75
N ASP B 16 -5.08 -0.83 -2.67
CA ASP B 16 -4.14 -1.95 -2.60
C ASP B 16 -4.22 -2.79 -1.31
N GLY B 17 -4.08 -2.22 -0.10
CA GLY B 17 -3.70 -0.84 0.17
C GLY B 17 -2.46 -0.86 1.04
N GLN B 18 -1.36 -0.35 0.50
CA GLN B 18 -0.06 -0.44 1.19
C GLN B 18 0.40 0.90 1.76
N ASP B 19 1.46 0.86 2.56
CA ASP B 19 2.08 2.07 3.08
C ASP B 19 3.08 2.65 2.07
N LYS B 20 2.57 2.97 0.89
CA LYS B 20 3.40 3.49 -0.19
C LYS B 20 2.75 4.71 -0.85
N ASP B 21 3.54 5.44 -1.63
CA ASP B 21 3.00 6.55 -2.41
C ASP B 21 1.97 6.03 -3.41
N PRO B 22 0.86 6.77 -3.57
CA PRO B 22 -0.28 6.33 -4.39
C PRO B 22 -0.03 6.35 -5.90
N ILE B 23 -0.67 5.40 -6.58
CA ILE B 23 -0.69 5.31 -8.03
C ILE B 23 -2.14 5.23 -8.49
N LEU B 24 -2.64 6.26 -9.16
CA LEU B 24 -4.04 6.28 -9.56
C LEU B 24 -4.24 5.88 -11.02
N LEU B 25 -4.84 4.71 -11.22
CA LEU B 25 -5.12 4.20 -12.56
C LEU B 25 -6.47 4.72 -13.06
N ILE B 26 -6.46 5.30 -14.25
CA ILE B 26 -7.67 5.81 -14.87
C ILE B 26 -7.94 5.10 -16.19
N HIS B 27 -9.02 4.32 -16.24
CA HIS B 27 -9.34 3.52 -17.43
C HIS B 27 -9.92 4.37 -18.55
N GLY B 28 -10.12 3.75 -19.70
CA GLY B 28 -10.56 4.45 -20.89
C GLY B 28 -12.05 4.38 -21.15
N GLY B 29 -12.42 4.52 -22.42
CA GLY B 29 -13.82 4.54 -22.82
C GLY B 29 -14.51 5.81 -22.36
N HIS B 30 -15.83 5.85 -22.53
CA HIS B 30 -16.63 6.94 -22.01
C HIS B 30 -18.04 6.44 -21.70
N PHE B 31 -18.83 7.27 -21.02
CA PHE B 31 -20.21 6.90 -20.70
C PHE B 31 -21.03 6.73 -21.98
N GLY B 32 -21.74 5.61 -22.08
CA GLY B 32 -22.57 5.34 -23.24
C GLY B 32 -21.81 4.66 -24.38
N PHE B 33 -20.52 4.44 -24.17
CA PHE B 33 -19.70 3.70 -25.13
C PHE B 33 -20.28 2.29 -25.28
N PHE B 34 -20.28 1.76 -26.50
CA PHE B 34 -20.93 0.49 -26.76
C PHE B 34 -20.23 -0.68 -26.06
N ILE B 35 -18.98 -0.47 -25.67
CA ILE B 35 -18.25 -1.42 -24.85
C ILE B 35 -18.10 -0.87 -23.43
N PRO B 36 -18.70 -1.53 -22.44
CA PRO B 36 -18.56 -1.07 -21.04
C PRO B 36 -17.15 -1.30 -20.48
N VAL B 37 -16.54 -0.25 -19.95
CA VAL B 37 -15.19 -0.33 -19.40
C VAL B 37 -15.20 0.00 -17.90
N GLY B 38 -14.39 -0.72 -17.13
CA GLY B 38 -14.29 -0.46 -15.70
C GLY B 38 -12.92 -0.78 -15.15
N ILE B 39 -12.82 -0.87 -13.82
CA ILE B 39 -11.58 -1.18 -13.13
C ILE B 39 -10.96 -2.50 -13.60
N GLU B 40 -11.80 -3.53 -13.73
CA GLU B 40 -11.37 -4.87 -14.11
C GLU B 40 -10.56 -4.90 -15.40
N SER B 41 -10.77 -3.92 -16.28
CA SER B 41 -10.08 -3.86 -17.55
C SER B 41 -8.57 -3.66 -17.38
N TRP B 42 -8.15 -3.23 -16.20
CA TRP B 42 -6.73 -3.05 -15.92
C TRP B 42 -6.04 -4.39 -15.66
N GLY B 43 -6.85 -5.41 -15.41
CA GLY B 43 -6.36 -6.75 -15.15
C GLY B 43 -5.15 -6.80 -14.23
N ASN B 44 -4.15 -7.57 -14.65
CA ASN B 44 -2.96 -7.80 -13.85
C ASN B 44 -2.26 -6.53 -13.40
N VAL B 45 -2.44 -5.44 -14.14
CA VAL B 45 -1.81 -4.17 -13.75
C VAL B 45 -2.15 -3.87 -12.30
N LEU B 46 -3.43 -4.02 -11.96
CA LEU B 46 -3.91 -3.75 -10.60
C LEU B 46 -3.03 -4.40 -9.54
N GLU B 47 -2.60 -5.63 -9.79
CA GLU B 47 -1.74 -6.32 -8.84
C GLU B 47 -0.28 -6.01 -9.10
N ASP B 48 0.09 -5.96 -10.38
CA ASP B 48 1.49 -5.86 -10.76
C ASP B 48 2.15 -4.58 -10.28
N PHE B 49 1.36 -3.52 -10.16
CA PHE B 49 1.92 -2.23 -9.75
C PHE B 49 2.02 -2.11 -8.24
N GLY B 50 1.64 -3.17 -7.52
CA GLY B 50 1.79 -3.20 -6.08
C GLY B 50 3.26 -3.14 -5.69
N GLU B 51 4.12 -3.46 -6.64
CA GLU B 51 5.57 -3.40 -6.44
C GLU B 51 6.10 -1.98 -6.48
N TYR B 52 5.44 -1.12 -7.26
CA TYR B 52 5.93 0.23 -7.50
C TYR B 52 5.20 1.27 -6.66
N GLY B 53 4.16 0.85 -5.95
CA GLY B 53 3.44 1.74 -5.08
C GLY B 53 2.10 1.23 -4.61
N ARG B 54 1.35 2.10 -3.95
CA ARG B 54 0.00 1.78 -3.49
C ARG B 54 -1.00 1.96 -4.63
N VAL B 55 -1.49 0.86 -5.18
CA VAL B 55 -2.35 0.94 -6.35
C VAL B 55 -3.80 1.30 -6.00
N LEU B 56 -4.28 2.37 -6.61
CA LEU B 56 -5.69 2.74 -6.53
C LEU B 56 -6.26 2.82 -7.93
N ALA B 57 -7.55 2.49 -8.06
CA ALA B 57 -8.23 2.60 -9.34
C ALA B 57 -9.66 3.06 -9.10
N VAL B 58 -10.34 3.53 -10.14
CA VAL B 58 -11.68 4.05 -9.96
C VAL B 58 -12.48 4.02 -11.27
N ASP B 59 -13.73 3.58 -11.21
CA ASP B 59 -14.61 3.69 -12.36
C ASP B 59 -14.92 5.16 -12.59
N LYS B 60 -14.75 5.61 -13.83
CA LYS B 60 -15.00 7.01 -14.16
C LYS B 60 -16.49 7.33 -14.11
N LEU B 61 -16.82 8.58 -14.38
CA LEU B 61 -18.21 9.05 -14.34
C LEU B 61 -19.07 8.33 -15.37
N GLY B 62 -20.18 7.74 -14.91
CA GLY B 62 -21.12 7.07 -15.79
C GLY B 62 -20.56 5.83 -16.46
N GLN B 63 -19.56 5.22 -15.82
CA GLN B 63 -18.99 3.95 -16.30
C GLN B 63 -18.83 2.99 -15.13
N GLY B 64 -18.71 1.70 -15.44
CA GLY B 64 -18.56 0.69 -14.42
C GLY B 64 -19.76 0.59 -13.51
N GLU B 65 -19.53 0.76 -12.21
CA GLU B 65 -20.62 0.73 -11.23
C GLU B 65 -20.84 2.09 -10.62
N THR B 66 -20.10 3.10 -11.10
CA THR B 66 -20.31 4.47 -10.66
C THR B 66 -21.46 5.10 -11.41
N GLY B 67 -22.17 6.02 -10.75
CA GLY B 67 -23.39 6.59 -11.29
C GLY B 67 -23.21 7.54 -12.46
N LEU B 68 -24.32 7.77 -13.17
CA LEU B 68 -24.36 8.69 -14.29
C LEU B 68 -24.28 10.14 -13.83
N PRO B 69 -23.79 11.04 -14.71
CA PRO B 69 -23.76 12.48 -14.42
C PRO B 69 -25.12 13.01 -13.98
N LEU B 70 -25.13 13.96 -13.06
CA LEU B 70 -26.38 14.45 -12.48
C LEU B 70 -27.21 15.24 -13.48
N ASN B 71 -26.55 16.11 -14.24
CA ASN B 71 -27.23 16.88 -15.28
C ASN B 71 -26.59 16.66 -16.65
N ASP B 72 -27.31 17.03 -17.70
CA ASP B 72 -26.87 16.79 -19.06
C ASP B 72 -25.72 17.69 -19.47
N GLU B 73 -25.56 18.80 -18.75
CA GLU B 73 -24.47 19.73 -19.01
C GLU B 73 -23.17 19.22 -18.40
N ASP B 74 -23.26 18.11 -17.68
CA ASP B 74 -22.10 17.49 -17.04
C ASP B 74 -21.60 16.30 -17.84
N TRP B 75 -22.07 16.16 -19.07
CA TRP B 75 -21.53 15.16 -19.98
C TRP B 75 -20.38 15.78 -20.76
N THR B 76 -19.37 16.23 -20.02
CA THR B 76 -18.21 16.89 -20.59
C THR B 76 -16.93 16.24 -20.07
N VAL B 77 -15.83 16.46 -20.77
CA VAL B 77 -14.55 15.91 -20.36
C VAL B 77 -14.12 16.52 -19.04
N ASP B 78 -14.33 17.83 -18.93
CA ASP B 78 -14.01 18.57 -17.72
C ASP B 78 -14.77 18.01 -16.52
N ALA B 79 -16.01 17.58 -16.74
CA ALA B 79 -16.80 17.00 -15.66
C ALA B 79 -16.20 15.68 -15.17
N VAL B 80 -15.70 14.88 -16.11
CA VAL B 80 -15.06 13.62 -15.77
C VAL B 80 -13.78 13.86 -14.96
N ALA B 81 -12.94 14.75 -15.48
CA ALA B 81 -11.69 15.09 -14.80
C ALA B 81 -11.93 15.67 -13.42
N GLU B 82 -12.94 16.55 -13.30
CA GLU B 82 -13.27 17.17 -12.01
C GLU B 82 -13.85 16.15 -11.05
N HIS B 83 -14.57 15.16 -11.58
CA HIS B 83 -15.07 14.06 -10.76
C HIS B 83 -13.90 13.29 -10.15
N VAL B 84 -12.94 12.91 -11.00
CA VAL B 84 -11.77 12.20 -10.51
C VAL B 84 -10.97 13.05 -9.53
N ALA B 85 -10.95 14.36 -9.77
CA ALA B 85 -10.21 15.30 -8.93
C ALA B 85 -10.83 15.43 -7.54
N ASN B 86 -12.15 15.54 -7.49
CA ASN B 86 -12.87 15.60 -6.23
C ASN B 86 -12.82 14.28 -5.48
N PHE B 87 -12.77 13.19 -6.25
CA PHE B 87 -12.56 11.87 -5.69
C PHE B 87 -11.21 11.83 -4.96
N ALA B 88 -10.19 12.35 -5.64
CA ALA B 88 -8.85 12.41 -5.08
C ALA B 88 -8.79 13.32 -3.85
N THR B 89 -9.55 14.42 -3.88
CA THR B 89 -9.58 15.36 -2.76
C THR B 89 -10.25 14.72 -1.55
N GLN B 90 -11.37 14.04 -1.78
CA GLN B 90 -12.07 13.32 -0.72
C GLN B 90 -11.19 12.24 -0.12
N LEU B 91 -10.41 11.57 -0.97
CA LEU B 91 -9.49 10.54 -0.48
C LEU B 91 -8.19 11.15 0.04
N GLY B 92 -7.88 12.37 -0.41
CA GLY B 92 -6.72 13.10 0.07
C GLY B 92 -5.38 12.60 -0.44
N LEU B 93 -5.34 12.16 -1.69
CA LEU B 93 -4.13 11.57 -2.26
C LEU B 93 -3.04 12.61 -2.56
N LYS B 94 -1.86 12.42 -1.97
CA LYS B 94 -0.72 13.30 -2.22
C LYS B 94 0.44 12.50 -2.79
N ASN B 95 1.34 13.18 -3.50
CA ASN B 95 2.42 12.53 -4.25
C ASN B 95 1.84 11.47 -5.17
N LEU B 96 0.94 11.90 -6.04
CA LEU B 96 0.10 11.01 -6.84
C LEU B 96 0.66 10.72 -8.23
N THR B 97 0.81 9.44 -8.55
CA THR B 97 1.20 9.06 -9.91
C THR B 97 -0.05 8.68 -10.71
N LEU B 98 -0.36 9.50 -11.71
CA LEU B 98 -1.54 9.28 -12.54
C LEU B 98 -1.22 8.44 -13.75
N VAL B 99 -1.98 7.37 -13.95
CA VAL B 99 -1.80 6.50 -15.10
C VAL B 99 -3.11 6.35 -15.86
N GLY B 100 -3.15 6.93 -17.06
CA GLY B 100 -4.37 6.93 -17.85
C GLY B 100 -4.25 6.20 -19.18
N HIS B 101 -5.29 5.45 -19.54
CA HIS B 101 -5.32 4.73 -20.80
C HIS B 101 -6.48 5.19 -21.66
N SER B 102 -6.24 5.28 -22.97
CA SER B 102 -7.25 5.77 -23.91
C SER B 102 -7.76 7.13 -23.43
N ARG B 103 -9.08 7.30 -23.39
CA ARG B 103 -9.67 8.55 -22.93
C ARG B 103 -9.22 8.91 -21.51
N GLY B 104 -8.96 7.88 -20.69
CA GLY B 104 -8.44 8.07 -19.36
C GLY B 104 -7.19 8.93 -19.36
N GLY B 105 -6.29 8.67 -20.31
CA GLY B 105 -5.09 9.47 -20.49
C GLY B 105 -5.45 10.93 -20.52
N MET B 106 -6.41 11.29 -21.37
CA MET B 106 -6.88 12.67 -21.49
C MET B 106 -7.22 13.23 -20.11
N THR B 107 -8.05 12.49 -19.38
CA THR B 107 -8.42 12.88 -18.03
C THR B 107 -7.17 13.20 -17.23
N ALA B 108 -6.26 12.22 -17.17
CA ALA B 108 -5.02 12.36 -16.43
C ALA B 108 -4.29 13.64 -16.82
N VAL B 109 -4.20 13.89 -18.13
CA VAL B 109 -3.47 15.06 -18.62
C VAL B 109 -4.05 16.32 -18.01
N LEU B 110 -5.38 16.44 -18.04
CA LEU B 110 -6.04 17.61 -17.50
C LEU B 110 -5.70 17.74 -16.02
N LEU B 111 -5.75 16.62 -15.30
CA LEU B 111 -5.44 16.63 -13.88
C LEU B 111 -4.01 17.09 -13.67
N ALA B 112 -3.12 16.73 -14.59
CA ALA B 112 -1.73 17.12 -14.50
C ALA B 112 -1.57 18.61 -14.75
N LEU B 113 -2.44 19.16 -15.59
CA LEU B 113 -2.30 20.55 -16.00
C LEU B 113 -3.06 21.51 -15.11
N LYS B 114 -4.16 21.05 -14.53
CA LYS B 114 -4.98 21.90 -13.67
C LYS B 114 -4.55 21.81 -12.21
N TYR B 115 -4.13 20.62 -11.78
CA TYR B 115 -3.77 20.42 -10.38
C TYR B 115 -2.37 19.81 -10.22
N PRO B 116 -1.32 20.58 -10.55
CA PRO B 116 0.04 20.06 -10.46
C PRO B 116 0.52 19.83 -9.03
N GLU B 117 -0.05 20.58 -8.08
CA GLU B 117 0.32 20.44 -6.68
C GLU B 117 -0.01 19.04 -6.14
N MET B 118 -1.00 18.41 -6.75
CA MET B 118 -1.48 17.10 -6.33
C MET B 118 -0.69 15.97 -6.98
N VAL B 119 -0.11 16.24 -8.13
CA VAL B 119 0.49 15.19 -8.95
C VAL B 119 2.02 15.16 -8.89
N LYS B 120 2.55 13.96 -8.71
CA LYS B 120 3.99 13.72 -8.66
C LYS B 120 4.54 13.42 -10.05
N LYS B 121 3.81 12.60 -10.81
CA LYS B 121 4.18 12.30 -12.20
C LYS B 121 3.02 11.72 -13.00
N LEU B 122 3.20 11.64 -14.32
CA LEU B 122 2.12 11.28 -15.23
C LEU B 122 2.52 10.23 -16.25
N VAL B 123 1.69 9.22 -16.42
CA VAL B 123 1.88 8.22 -17.46
C VAL B 123 0.67 8.21 -18.40
N ILE B 124 0.93 8.39 -19.69
CA ILE B 124 -0.12 8.44 -20.71
C ILE B 124 -0.05 7.25 -21.65
N ILE B 125 -1.09 6.44 -21.68
CA ILE B 125 -1.07 5.23 -22.49
C ILE B 125 -2.13 5.24 -23.58
N SER B 126 -1.69 5.37 -24.83
CA SER B 126 -2.55 5.22 -26.00
C SER B 126 -3.72 6.20 -26.02
N SER B 127 -3.47 7.43 -25.59
CA SER B 127 -4.50 8.47 -25.59
C SER B 127 -4.33 9.38 -26.80
N ALA B 128 -5.30 9.36 -27.71
CA ALA B 128 -5.20 10.10 -28.95
C ALA B 128 -6.02 11.39 -28.96
N THR B 129 -6.66 11.68 -27.83
CA THR B 129 -7.56 12.83 -27.75
C THR B 129 -6.83 14.17 -27.94
N ALA B 130 -5.69 14.32 -27.28
CA ALA B 130 -4.93 15.57 -27.36
C ALA B 130 -3.88 15.52 -28.47
N ALA B 131 -3.82 14.38 -29.16
CA ALA B 131 -2.85 14.18 -30.24
C ALA B 131 -3.15 15.08 -31.44
N PRO B 132 -2.11 15.39 -32.24
CA PRO B 132 -2.31 16.13 -33.49
C PRO B 132 -3.30 15.44 -34.43
N ALA B 133 -4.09 16.23 -35.15
CA ALA B 133 -5.11 15.69 -36.04
C ALA B 133 -4.53 14.89 -37.20
N PRO B 134 -4.97 13.63 -37.35
CA PRO B 134 -4.56 12.74 -38.44
C PRO B 134 -5.22 13.12 -39.77
N PRO B 135 -4.62 12.70 -40.90
CA PRO B 135 -5.10 12.99 -42.26
C PRO B 135 -6.62 12.86 -42.42
N MET B 140 -16.21 3.79 -41.76
CA MET B 140 -14.76 3.89 -41.83
C MET B 140 -14.16 3.97 -40.42
N ASP B 141 -14.89 4.57 -39.49
CA ASP B 141 -14.44 4.68 -38.10
C ASP B 141 -14.28 3.29 -37.48
N PHE B 142 -13.16 3.08 -36.80
CA PHE B 142 -12.79 1.77 -36.28
C PHE B 142 -13.87 1.17 -35.39
N TYR B 143 -14.29 1.91 -34.37
CA TYR B 143 -15.24 1.39 -33.40
C TYR B 143 -16.61 1.14 -34.01
N GLU B 144 -17.05 2.08 -34.86
CA GLU B 144 -18.29 1.92 -35.60
C GLU B 144 -18.25 0.68 -36.49
N ARG B 145 -17.08 0.43 -37.07
CA ARG B 145 -16.86 -0.72 -37.93
C ARG B 145 -16.93 -2.02 -37.12
N VAL B 146 -16.29 -2.02 -35.96
CA VAL B 146 -16.32 -3.16 -35.06
C VAL B 146 -17.75 -3.49 -34.64
N GLU B 147 -18.51 -2.46 -34.30
CA GLU B 147 -19.90 -2.65 -33.89
C GLU B 147 -20.74 -3.17 -35.04
N ARG B 148 -20.46 -2.66 -36.24
CA ARG B 148 -21.19 -3.05 -37.45
C ARG B 148 -20.92 -4.51 -37.83
N THR B 149 -19.69 -4.96 -37.65
CA THR B 149 -19.27 -6.28 -38.09
C THR B 149 -19.42 -7.35 -37.00
N ALA B 150 -19.94 -6.95 -35.86
CA ALA B 150 -20.10 -7.88 -34.74
C ALA B 150 -21.36 -8.72 -34.88
N PRO B 151 -21.33 -9.94 -34.35
CA PRO B 151 -22.55 -10.72 -34.16
C PRO B 151 -23.10 -10.52 -32.75
N GLY B 152 -24.36 -10.89 -32.51
CA GLY B 152 -24.87 -10.94 -31.15
C GLY B 152 -24.19 -12.13 -30.49
N GLY B 153 -23.86 -12.03 -29.21
CA GLY B 153 -24.17 -10.89 -28.36
C GLY B 153 -24.74 -11.46 -27.08
N SER B 154 -24.33 -10.96 -25.92
CA SER B 154 -23.40 -9.82 -25.82
C SER B 154 -21.97 -10.28 -25.55
N ALA B 155 -21.81 -11.54 -25.16
CA ALA B 155 -20.47 -12.10 -24.95
C ALA B 155 -19.69 -12.08 -26.26
N GLU B 156 -20.38 -12.40 -27.34
CA GLU B 156 -19.77 -12.41 -28.67
C GLU B 156 -19.35 -11.00 -29.09
N LEU B 157 -20.01 -9.98 -28.55
CA LEU B 157 -19.66 -8.60 -28.87
C LEU B 157 -18.34 -8.21 -28.21
N ILE B 158 -18.21 -8.54 -26.93
CA ILE B 158 -16.99 -8.25 -26.18
C ILE B 158 -15.81 -9.03 -26.77
N ARG B 159 -16.04 -10.31 -27.07
CA ARG B 159 -15.00 -11.12 -27.68
C ARG B 159 -14.65 -10.63 -29.09
N HIS B 160 -15.64 -10.17 -29.84
CA HIS B 160 -15.40 -9.64 -31.17
C HIS B 160 -14.57 -8.37 -31.09
N TYR B 161 -14.86 -7.54 -30.10
CA TYR B 161 -14.13 -6.29 -29.91
C TYR B 161 -12.68 -6.56 -29.54
N HIS B 162 -12.48 -7.42 -28.54
CA HIS B 162 -11.13 -7.75 -28.11
C HIS B 162 -10.33 -8.47 -29.19
N ALA B 163 -11.02 -9.27 -30.01
CA ALA B 163 -10.37 -9.92 -31.14
C ALA B 163 -9.95 -8.87 -32.15
N ALA B 164 -10.82 -7.89 -32.37
CA ALA B 164 -10.53 -6.80 -33.29
C ALA B 164 -9.37 -5.94 -32.79
N GLN B 165 -9.13 -5.94 -31.49
CA GLN B 165 -8.08 -5.11 -30.92
C GLN B 165 -6.78 -5.84 -30.60
N ALA B 166 -6.87 -7.12 -30.23
CA ALA B 166 -5.70 -7.86 -29.76
C ALA B 166 -4.66 -8.08 -30.86
N VAL B 167 -3.39 -8.11 -30.45
CA VAL B 167 -2.30 -8.33 -31.38
C VAL B 167 -1.49 -9.57 -31.01
N ASN B 168 -1.05 -9.63 -29.76
CA ASN B 168 -0.29 -10.77 -29.26
C ASN B 168 -0.96 -11.41 -28.06
N GLU B 169 -2.03 -12.17 -28.32
CA GLU B 169 -2.86 -12.80 -27.30
C GLU B 169 -3.52 -11.77 -26.39
N PRO B 173 -8.62 -10.46 -19.19
CA PRO B 173 -8.97 -10.83 -17.81
C PRO B 173 -10.35 -11.47 -17.71
N GLU B 174 -10.42 -12.67 -17.13
CA GLU B 174 -11.68 -13.40 -17.00
C GLU B 174 -12.73 -12.57 -16.26
N ASP B 175 -12.31 -11.95 -15.16
CA ASP B 175 -13.16 -11.07 -14.37
C ASP B 175 -13.78 -10.01 -15.28
N TYR B 176 -12.95 -9.42 -16.12
CA TYR B 176 -13.40 -8.36 -17.01
C TYR B 176 -14.39 -8.87 -18.05
N ILE B 177 -14.12 -10.05 -18.63
CA ILE B 177 -15.02 -10.58 -19.65
C ILE B 177 -16.40 -10.86 -19.05
N GLY B 178 -16.42 -11.60 -17.95
CA GLY B 178 -17.68 -11.89 -17.27
C GLY B 178 -18.45 -10.64 -16.85
N ILE B 179 -17.77 -9.73 -16.15
CA ILE B 179 -18.42 -8.53 -15.63
C ILE B 179 -18.87 -7.60 -16.76
N ALA B 180 -18.14 -7.59 -17.87
CA ALA B 180 -18.49 -6.71 -18.98
C ALA B 180 -19.71 -7.27 -19.69
N THR B 181 -19.75 -8.59 -19.81
CA THR B 181 -20.94 -9.24 -20.36
C THR B 181 -22.15 -8.91 -19.48
N LYS B 182 -21.96 -8.91 -18.17
CA LYS B 182 -23.05 -8.58 -17.26
C LYS B 182 -23.48 -7.11 -17.37
N TRP B 183 -22.51 -6.21 -17.47
CA TRP B 183 -22.77 -4.78 -17.61
C TRP B 183 -23.49 -4.45 -18.91
N LEU B 184 -23.13 -5.17 -19.96
CA LEU B 184 -23.67 -4.91 -21.29
C LEU B 184 -25.18 -5.09 -21.34
N GLU B 185 -25.70 -5.97 -20.46
CA GLU B 185 -27.13 -6.22 -20.38
C GLU B 185 -27.77 -5.56 -19.17
N SER B 186 -27.04 -4.65 -18.52
CA SER B 186 -27.56 -3.95 -17.35
C SER B 186 -28.35 -2.70 -17.74
N GLU B 187 -29.13 -2.19 -16.80
CA GLU B 187 -29.99 -1.02 -17.06
C GLU B 187 -29.17 0.27 -17.14
N LYS B 188 -28.16 0.37 -16.28
CA LYS B 188 -27.29 1.54 -16.24
C LYS B 188 -26.64 1.79 -17.60
N GLN B 189 -26.26 0.70 -18.27
CA GLN B 189 -25.65 0.79 -19.59
C GLN B 189 -26.64 1.31 -20.62
N LEU B 190 -27.88 0.84 -20.55
CA LEU B 190 -28.95 1.32 -21.43
C LEU B 190 -29.16 2.82 -21.26
N ASP B 191 -29.35 3.24 -20.00
CA ASP B 191 -29.51 4.64 -19.67
C ASP B 191 -28.32 5.47 -20.14
N ALA B 192 -27.13 4.87 -20.09
CA ALA B 192 -25.91 5.55 -20.50
C ALA B 192 -25.87 5.74 -22.02
N VAL B 193 -26.32 4.72 -22.75
CA VAL B 193 -26.36 4.80 -24.20
C VAL B 193 -27.35 5.87 -24.64
N ALA B 194 -28.52 5.86 -24.02
CA ALA B 194 -29.55 6.87 -24.32
C ALA B 194 -29.04 8.27 -23.98
N GLY B 195 -28.41 8.39 -22.82
CA GLY B 195 -27.85 9.65 -22.38
C GLY B 195 -26.81 10.19 -23.33
N TYR B 196 -25.96 9.31 -23.86
CA TYR B 196 -24.96 9.72 -24.85
C TYR B 196 -25.66 10.17 -26.12
N ALA B 197 -26.57 9.34 -26.62
CA ALA B 197 -27.33 9.64 -27.83
C ALA B 197 -27.99 11.01 -27.75
N ARG B 198 -28.39 11.38 -26.53
CA ARG B 198 -29.07 12.65 -26.30
C ARG B 198 -28.10 13.82 -26.18
N ASN B 199 -27.00 13.63 -25.45
CA ASN B 199 -26.13 14.75 -25.08
C ASN B 199 -24.79 14.84 -25.83
N ALA B 200 -24.58 13.96 -26.79
CA ALA B 200 -23.30 13.91 -27.50
C ALA B 200 -23.06 15.13 -28.39
N GLU B 201 -23.97 15.37 -29.33
CA GLU B 201 -23.81 16.41 -30.34
C GLU B 201 -23.76 17.81 -29.74
N GLU B 202 -24.42 18.00 -28.60
CA GLU B 202 -24.54 19.33 -28.01
C GLU B 202 -23.45 19.63 -26.98
N HIS B 203 -23.05 18.60 -26.22
CA HIS B 203 -22.16 18.82 -25.09
C HIS B 203 -20.81 18.09 -25.20
N TRP B 204 -20.84 16.77 -25.27
CA TRP B 204 -19.64 15.94 -25.15
C TRP B 204 -18.61 16.13 -26.27
N LEU B 205 -19.05 16.09 -27.52
CA LEU B 205 -18.13 16.28 -28.64
C LEU B 205 -17.49 17.68 -28.66
N PRO B 206 -18.29 18.75 -28.46
CA PRO B 206 -17.65 20.06 -28.32
C PRO B 206 -16.67 20.10 -27.15
N SER B 207 -17.00 19.38 -26.08
CA SER B 207 -16.12 19.28 -24.92
C SER B 207 -14.81 18.61 -25.29
N LEU B 208 -14.87 17.66 -26.22
CA LEU B 208 -13.66 17.04 -26.78
C LEU B 208 -12.83 18.07 -27.55
N SER B 209 -13.48 18.77 -28.47
CA SER B 209 -12.78 19.78 -29.27
C SER B 209 -12.07 20.83 -28.41
N GLU B 210 -12.82 21.41 -27.47
CA GLU B 210 -12.26 22.44 -26.61
C GLU B 210 -11.19 21.89 -25.68
N GLY B 211 -11.42 20.70 -25.13
CA GLY B 211 -10.43 20.06 -24.28
C GLY B 211 -9.10 19.89 -25.00
N ARG B 212 -9.16 19.32 -26.21
CA ARG B 212 -7.99 19.16 -27.05
C ARG B 212 -7.30 20.50 -27.32
N ARG B 213 -8.09 21.50 -27.72
CA ARG B 213 -7.53 22.82 -28.04
C ARG B 213 -6.75 23.41 -26.86
N TRP B 214 -7.37 23.35 -25.68
CA TRP B 214 -6.75 23.89 -24.47
C TRP B 214 -5.50 23.10 -24.07
N VAL B 215 -5.54 21.79 -24.22
CA VAL B 215 -4.38 20.98 -23.88
C VAL B 215 -3.19 21.25 -24.81
N GLN B 216 -3.46 21.29 -26.12
CA GLN B 216 -2.42 21.63 -27.09
C GLN B 216 -1.83 23.01 -26.82
N GLU B 217 -2.71 23.97 -26.60
CA GLU B 217 -2.29 25.34 -26.30
C GLU B 217 -1.44 25.38 -25.05
N ARG B 218 -1.76 24.53 -24.08
CA ARG B 218 -1.00 24.45 -22.84
C ARG B 218 0.37 23.80 -23.05
N LEU B 219 0.43 22.83 -23.96
CA LEU B 219 1.70 22.16 -24.28
C LEU B 219 2.62 23.10 -25.03
N ALA B 220 2.02 24.01 -25.80
CA ALA B 220 2.80 24.98 -26.57
C ALA B 220 3.23 26.17 -25.71
N ASP B 221 2.80 26.18 -24.45
CA ASP B 221 3.15 27.26 -23.54
C ASP B 221 4.22 26.81 -22.54
N ALA B 222 3.79 26.36 -21.37
CA ALA B 222 4.71 25.95 -20.31
C ALA B 222 4.86 24.43 -20.24
N GLY B 223 4.12 23.72 -21.09
CA GLY B 223 4.17 22.26 -21.10
C GLY B 223 3.63 21.63 -19.82
N ILE B 224 3.66 20.31 -19.78
CA ILE B 224 3.22 19.56 -18.60
C ILE B 224 4.16 19.85 -17.43
N PRO B 225 3.59 20.20 -16.26
CA PRO B 225 4.39 20.60 -15.11
C PRO B 225 5.02 19.44 -14.34
N VAL B 226 4.68 18.20 -14.69
CA VAL B 226 5.26 17.04 -14.04
C VAL B 226 5.93 16.12 -15.06
N PRO B 227 6.91 15.30 -14.61
CA PRO B 227 7.56 14.32 -15.48
C PRO B 227 6.55 13.42 -16.19
N THR B 228 6.72 13.22 -17.50
CA THR B 228 5.73 12.51 -18.28
C THR B 228 6.30 11.35 -19.09
N LEU B 229 5.58 10.23 -19.07
CA LEU B 229 5.90 9.08 -19.90
C LEU B 229 4.72 8.77 -20.82
N VAL B 230 5.00 8.66 -22.11
CA VAL B 230 3.98 8.23 -23.07
C VAL B 230 4.27 6.81 -23.50
N VAL B 231 3.30 5.93 -23.34
CA VAL B 231 3.46 4.53 -23.74
C VAL B 231 2.54 4.21 -24.90
N TRP B 232 3.06 3.52 -25.91
CA TRP B 232 2.24 3.19 -27.07
C TRP B 232 2.57 1.82 -27.65
N GLY B 233 1.55 1.17 -28.19
CA GLY B 233 1.73 -0.07 -28.92
C GLY B 233 1.86 0.24 -30.40
N VAL B 234 2.93 -0.28 -31.02
CA VAL B 234 3.20 -0.02 -32.43
C VAL B 234 2.04 -0.45 -33.32
N ASN B 235 1.38 -1.54 -32.94
CA ASN B 235 0.31 -2.10 -33.76
C ASN B 235 -1.08 -1.77 -33.23
N ASP B 236 -1.22 -0.58 -32.65
CA ASP B 236 -2.51 -0.10 -32.16
C ASP B 236 -3.45 0.15 -33.34
N ARG B 237 -4.57 -0.58 -33.35
CA ARG B 237 -5.55 -0.46 -34.43
C ARG B 237 -6.44 0.77 -34.26
N SER B 238 -6.83 1.04 -33.02
CA SER B 238 -7.75 2.12 -32.69
C SER B 238 -7.11 3.51 -32.80
N ALA B 239 -5.88 3.63 -32.33
CA ALA B 239 -5.15 4.90 -32.38
C ALA B 239 -3.73 4.67 -32.87
N PRO B 240 -3.46 5.01 -34.14
CA PRO B 240 -2.17 4.79 -34.80
C PRO B 240 -0.99 5.35 -34.03
N VAL B 241 0.18 4.74 -34.19
CA VAL B 241 1.39 5.20 -33.50
C VAL B 241 1.77 6.62 -33.87
N SER B 242 1.42 7.04 -35.09
CA SER B 242 1.75 8.37 -35.58
C SER B 242 1.16 9.45 -34.68
N MET B 243 -0.03 9.18 -34.15
CA MET B 243 -0.67 10.08 -33.19
C MET B 243 0.13 10.12 -31.91
N GLY B 244 0.66 8.98 -31.50
CA GLY B 244 1.46 8.89 -30.30
C GLY B 244 2.73 9.70 -30.42
N LYS B 245 3.43 9.52 -31.53
CA LYS B 245 4.65 10.27 -31.81
C LYS B 245 4.37 11.77 -31.92
N GLY B 246 3.26 12.14 -32.54
CA GLY B 246 2.87 13.54 -32.64
C GLY B 246 2.63 14.16 -31.28
N LEU B 247 1.83 13.47 -30.47
CA LEU B 247 1.55 13.90 -29.10
C LEU B 247 2.84 14.06 -28.32
N PHE B 248 3.75 13.10 -28.46
CA PHE B 248 5.04 13.19 -27.77
C PHE B 248 5.86 14.36 -28.27
N ASP B 249 5.71 14.71 -29.55
CA ASP B 249 6.40 15.89 -30.08
C ASP B 249 5.90 17.13 -29.35
N LEU B 250 4.58 17.29 -29.34
CA LEU B 250 3.94 18.42 -28.66
C LEU B 250 4.35 18.52 -27.19
N ILE B 251 4.40 17.38 -26.51
CA ILE B 251 4.82 17.34 -25.11
C ILE B 251 6.30 17.73 -24.95
N ALA B 252 7.14 17.17 -25.82
CA ALA B 252 8.58 17.38 -25.73
C ALA B 252 8.97 18.82 -26.05
N ALA B 253 8.06 19.55 -26.71
CA ALA B 253 8.31 20.96 -27.03
C ALA B 253 8.69 21.81 -25.81
N ASN B 254 8.03 21.57 -24.67
CA ASN B 254 8.28 22.38 -23.47
C ASN B 254 8.33 21.60 -22.17
N THR B 255 8.24 20.27 -22.25
CA THR B 255 8.38 19.42 -21.07
C THR B 255 9.72 18.68 -21.12
N LEU B 256 10.71 19.20 -20.40
CA LEU B 256 12.06 18.64 -20.43
C LEU B 256 12.08 17.19 -19.98
N ASP B 257 11.52 16.93 -18.80
CA ASP B 257 11.42 15.57 -18.28
C ASP B 257 10.26 14.80 -18.92
N SER B 258 10.42 14.43 -20.19
CA SER B 258 9.41 13.66 -20.90
C SER B 258 10.07 12.52 -21.65
N SER B 259 9.30 11.45 -21.90
CA SER B 259 9.87 10.28 -22.55
C SER B 259 8.81 9.51 -23.32
N LEU B 260 9.25 8.83 -24.39
CA LEU B 260 8.36 8.02 -25.20
C LEU B 260 8.82 6.57 -25.24
N TYR B 261 7.89 5.65 -25.01
CA TYR B 261 8.18 4.23 -25.08
C TYR B 261 7.24 3.53 -26.05
N LEU B 262 7.81 3.03 -27.14
CA LEU B 262 7.05 2.29 -28.13
C LEU B 262 7.33 0.80 -28.02
N ILE B 263 6.27 0.02 -27.81
CA ILE B 263 6.39 -1.42 -27.67
C ILE B 263 5.85 -2.11 -28.91
N ASN B 264 6.71 -2.91 -29.54
CA ASN B 264 6.31 -3.63 -30.75
C ASN B 264 5.49 -4.85 -30.39
N ASN B 265 4.76 -5.37 -31.37
CA ASN B 265 3.88 -6.52 -31.17
C ASN B 265 2.88 -6.25 -30.05
N ALA B 266 2.33 -5.04 -30.05
CA ALA B 266 1.36 -4.62 -29.05
C ALA B 266 0.35 -3.65 -29.64
N GLY B 267 -0.92 -3.81 -29.26
CA GLY B 267 -1.98 -2.97 -29.77
C GLY B 267 -2.45 -1.91 -28.79
N HIS B 268 -3.72 -1.57 -28.88
CA HIS B 268 -4.33 -0.53 -28.04
C HIS B 268 -4.24 -0.89 -26.55
N HIS B 269 -4.48 -2.16 -26.23
CA HIS B 269 -4.32 -2.63 -24.87
C HIS B 269 -2.89 -3.12 -24.65
N VAL B 270 -1.96 -2.18 -24.50
CA VAL B 270 -0.54 -2.48 -24.44
C VAL B 270 -0.15 -3.32 -23.23
N PHE B 271 -0.71 -2.97 -22.07
CA PHE B 271 -0.39 -3.66 -20.83
C PHE B 271 -0.81 -5.13 -20.86
N SER B 272 -1.83 -5.44 -21.65
CA SER B 272 -2.27 -6.82 -21.82
C SER B 272 -1.40 -7.58 -22.82
N ASP B 273 -1.04 -6.92 -23.91
CA ASP B 273 -0.32 -7.57 -25.00
C ASP B 273 1.15 -7.85 -24.67
N GLN B 274 1.79 -6.92 -23.96
CA GLN B 274 3.18 -7.07 -23.56
C GLN B 274 3.34 -6.72 -22.08
N ARG B 275 2.90 -7.61 -21.21
CA ARG B 275 2.85 -7.33 -19.78
C ARG B 275 4.21 -7.06 -19.14
N GLU B 276 5.16 -7.95 -19.37
CA GLU B 276 6.48 -7.87 -18.75
C GLU B 276 7.22 -6.58 -19.11
N LYS B 277 7.30 -6.27 -20.40
CA LYS B 277 7.94 -5.03 -20.86
C LYS B 277 7.26 -3.79 -20.30
N PHE B 278 5.94 -3.79 -20.34
CA PHE B 278 5.14 -2.68 -19.83
C PHE B 278 5.45 -2.40 -18.37
N ASN B 279 5.33 -3.45 -17.55
CA ASN B 279 5.64 -3.35 -16.13
C ASN B 279 7.07 -2.90 -15.86
N ALA B 280 8.01 -3.44 -16.63
CA ALA B 280 9.42 -3.08 -16.46
C ALA B 280 9.65 -1.59 -16.71
N ALA B 281 9.18 -1.10 -17.84
CA ALA B 281 9.40 0.29 -18.22
C ALA B 281 8.64 1.28 -17.32
N VAL B 282 7.33 1.08 -17.20
CA VAL B 282 6.52 1.99 -16.42
C VAL B 282 6.94 1.96 -14.95
N GLY B 283 7.26 0.76 -14.46
CA GLY B 283 7.74 0.61 -13.10
C GLY B 283 9.05 1.34 -12.89
N ALA B 284 9.93 1.25 -13.89
CA ALA B 284 11.19 1.99 -13.87
C ALA B 284 10.93 3.48 -13.77
N PHE B 285 10.01 3.98 -14.59
CA PHE B 285 9.65 5.39 -14.58
C PHE B 285 9.11 5.84 -13.22
N ILE B 286 8.25 5.03 -12.62
CA ILE B 286 7.63 5.39 -11.35
C ILE B 286 8.64 5.37 -10.20
N SER B 287 9.65 4.52 -10.30
CA SER B 287 10.65 4.39 -9.24
C SER B 287 11.75 5.46 -9.27
N LEU B 288 11.71 6.33 -10.28
CA LEU B 288 12.68 7.42 -10.38
C LEU B 288 12.57 8.38 -9.19
#